data_8PGK
#
_entry.id   8PGK
#
_cell.length_a   39.490
_cell.length_b   67.890
_cell.length_c   40.300
_cell.angle_alpha   90.000
_cell.angle_beta   93.850
_cell.angle_gamma   90.000
#
_symmetry.space_group_name_H-M   'P 1 21 1'
#
loop_
_entity.id
_entity.type
_entity.pdbx_description
1 polymer 'Beta-lactamase VIM-1'
2 non-polymer 'ZINC ION'
3 non-polymer '7-[(1~{S})-1-(2-carbamimidoyl-6-oxidanylidene-5-oxa-2,7-diazaspiro[3.4]octan-7-yl)ethyl]-3-[3-fluoranyl-4-(methylsulfonylmethyl)phenyl]-1~{H}-indole-2-carboxylic acid'
4 water water
#
_entity_poly.entity_id   1
_entity_poly.type   'polypeptide(L)'
_entity_poly.pdbx_seq_one_letter_code
;MLKVISSLLVYMTASVMAVASPLAHSGEPSGEYPTVNEIPVGEVRLYQIADGVWSHIATQSFDGAVYPSNGLIVRDGDEL
LLIDTAWGAKNTAALLAEIEKQIGLPVTRAVSTHFHDDRVGGVDVLRAAGVATYASPSTRRLAEAEGNEIPTHSLEGLSS
SGDAVRFGPVELFYPGAAHSTDNLVVYVPSANVLYGGCAVHELSSTSAGNVADADLAEWPTSVERIQKHYPEAEVVIPGH
GLPGGLDLLQHTANVVKAHKNRSVAE
;
_entity_poly.pdbx_strand_id   A
#
loop_
_chem_comp.id
_chem_comp.type
_chem_comp.name
_chem_comp.formula
YVH non-polymer '7-[(1~{S})-1-(2-carbamimidoyl-6-oxidanylidene-5-oxa-2,7-diazaspiro[3.4]octan-7-yl)ethyl]-3-[3-fluoranyl-4-(methylsulfonylmethyl)phenyl]-1~{H}-indole-2-carboxylic acid' 'C25 H26 F N5 O6 S'
ZN non-polymer 'ZINC ION' 'Zn 2'
#
# COMPACT_ATOMS: atom_id res chain seq x y z
N SER A 30 -6.36 -12.61 17.57
CA SER A 30 -7.63 -12.36 18.25
C SER A 30 -7.90 -10.88 18.52
N GLY A 31 -7.76 -10.02 17.50
CA GLY A 31 -8.09 -8.60 17.59
C GLY A 31 -6.89 -7.66 17.42
N GLU A 32 -5.68 -8.13 17.74
CA GLU A 32 -4.48 -7.34 17.59
C GLU A 32 -4.09 -7.23 16.11
N TYR A 33 -3.31 -6.20 15.76
CA TYR A 33 -2.91 -6.08 14.36
C TYR A 33 -2.02 -7.27 14.01
N PRO A 34 -2.31 -8.01 12.93
CA PRO A 34 -1.59 -9.25 12.64
C PRO A 34 -0.15 -9.00 12.22
N THR A 35 0.67 -9.99 12.54
CA THR A 35 2.07 -10.03 12.18
C THR A 35 2.38 -11.37 11.54
N VAL A 36 3.61 -11.52 11.04
CA VAL A 36 4.04 -12.80 10.46
C VAL A 36 3.79 -13.99 11.38
N ASN A 37 3.80 -13.77 12.68
CA ASN A 37 3.69 -14.91 13.58
C ASN A 37 2.27 -15.41 13.65
N GLU A 38 1.35 -14.64 13.16
N GLU A 38 1.28 -14.62 13.23
CA GLU A 38 0.01 -15.12 12.87
CA GLU A 38 -0.12 -14.98 13.43
C GLU A 38 -0.19 -15.31 11.38
C GLU A 38 -0.87 -15.31 12.15
N ILE A 39 0.80 -14.97 10.56
N ILE A 39 -0.25 -15.16 11.00
CA ILE A 39 0.64 -15.07 9.11
CA ILE A 39 -0.89 -15.43 9.71
C ILE A 39 1.74 -15.93 8.50
C ILE A 39 -0.46 -16.83 9.28
N PRO A 40 1.46 -17.19 8.29
N PRO A 40 -1.38 -17.79 9.14
CA PRO A 40 2.33 -17.97 7.43
CA PRO A 40 -0.96 -19.15 8.72
C PRO A 40 2.27 -17.40 6.03
C PRO A 40 -0.31 -19.12 7.34
N VAL A 41 3.37 -17.53 5.31
N VAL A 41 0.58 -20.09 7.11
CA VAL A 41 3.36 -17.10 3.93
CA VAL A 41 1.37 -20.14 5.89
C VAL A 41 2.31 -17.90 3.15
C VAL A 41 0.47 -20.05 4.67
N GLY A 42 1.45 -17.17 2.43
N GLY A 42 0.79 -19.11 3.77
CA GLY A 42 0.33 -17.73 1.68
CA GLY A 42 0.06 -18.93 2.52
C GLY A 42 -1.02 -17.47 2.30
C GLY A 42 -1.27 -18.24 2.63
N GLU A 43 -1.07 -17.02 3.53
N GLU A 43 -1.58 -17.64 3.78
CA GLU A 43 -2.33 -16.73 4.21
CA GLU A 43 -2.88 -17.03 4.01
C GLU A 43 -2.51 -15.21 4.21
C GLU A 43 -2.76 -15.51 4.15
N VAL A 44 -3.77 -14.77 4.25
N VAL A 44 -3.93 -14.86 4.19
CA VAL A 44 -4.09 -13.36 4.28
CA VAL A 44 -4.07 -13.42 4.30
C VAL A 44 -5.06 -13.06 5.41
C VAL A 44 -5.03 -13.15 5.44
N ARG A 45 -4.78 -11.99 6.12
N ARG A 45 -4.82 -12.05 6.14
CA ARG A 45 -5.67 -11.50 7.17
CA ARG A 45 -5.76 -11.59 7.15
C ARG A 45 -6.18 -10.13 6.79
C ARG A 45 -6.18 -10.15 6.85
N LEU A 46 -7.41 -9.84 7.22
CA LEU A 46 -7.97 -8.51 7.11
C LEU A 46 -8.08 -7.91 8.50
N TYR A 47 -8.00 -6.59 8.55
CA TYR A 47 -8.13 -5.87 9.80
C TYR A 47 -9.04 -4.67 9.58
N GLN A 48 -10.08 -4.56 10.39
CA GLN A 48 -11.00 -3.44 10.24
C GLN A 48 -10.38 -2.17 10.80
N ILE A 49 -10.24 -1.17 9.95
CA ILE A 49 -9.66 0.11 10.31
C ILE A 49 -10.72 1.13 10.68
N ALA A 50 -11.84 1.15 9.95
CA ALA A 50 -12.92 2.11 10.15
C ALA A 50 -14.11 1.55 9.41
N ASP A 51 -15.25 2.22 9.50
CA ASP A 51 -16.40 1.76 8.75
CA ASP A 51 -16.41 1.75 8.75
C ASP A 51 -16.08 1.74 7.26
N GLY A 52 -16.23 0.58 6.62
CA GLY A 52 -15.95 0.46 5.21
C GLY A 52 -14.49 0.57 4.81
N VAL A 53 -13.56 0.41 5.76
CA VAL A 53 -12.12 0.45 5.46
C VAL A 53 -11.45 -0.69 6.20
N TRP A 54 -10.72 -1.53 5.45
CA TRP A 54 -9.92 -2.58 6.04
C TRP A 54 -8.50 -2.47 5.51
N SER A 55 -7.54 -2.96 6.29
CA SER A 55 -6.26 -3.28 5.70
C SER A 55 -6.21 -4.78 5.44
N HIS A 56 -5.35 -5.17 4.51
CA HIS A 56 -5.03 -6.56 4.28
C HIS A 56 -3.55 -6.78 4.58
N ILE A 57 -3.23 -7.94 5.16
CA ILE A 57 -1.89 -8.24 5.64
C ILE A 57 -1.51 -9.64 5.16
N ALA A 58 -0.34 -9.75 4.54
CA ALA A 58 0.16 -11.04 4.09
C ALA A 58 1.67 -11.05 4.32
N THR A 59 2.27 -12.21 4.15
CA THR A 59 3.71 -12.28 4.33
CA THR A 59 3.69 -12.40 4.38
C THR A 59 4.33 -12.96 3.11
N GLN A 60 5.58 -12.58 2.88
CA GLN A 60 6.30 -13.09 1.71
C GLN A 60 7.78 -13.20 2.04
N SER A 61 8.44 -14.12 1.35
N SER A 61 8.46 -14.13 1.39
CA SER A 61 9.87 -14.30 1.43
CA SER A 61 9.90 -14.24 1.52
C SER A 61 10.55 -13.47 0.34
C SER A 61 10.61 -13.56 0.35
N PHE A 62 11.69 -12.87 0.67
CA PHE A 62 12.45 -12.13 -0.31
C PHE A 62 13.90 -12.22 0.12
N ASP A 63 14.76 -12.72 -0.78
CA ASP A 63 16.19 -12.83 -0.46
C ASP A 63 16.40 -13.54 0.87
N GLY A 64 15.60 -14.57 1.13
CA GLY A 64 15.81 -15.42 2.28
C GLY A 64 15.37 -14.87 3.63
N ALA A 65 14.54 -13.83 3.64
CA ALA A 65 13.94 -13.32 4.85
C ALA A 65 12.45 -13.14 4.61
N VAL A 66 11.68 -13.19 5.69
CA VAL A 66 10.22 -13.09 5.62
C VAL A 66 9.81 -11.70 6.11
N TYR A 67 8.89 -11.09 5.38
CA TYR A 67 8.40 -9.75 5.66
C TYR A 67 6.89 -9.73 5.60
N PRO A 68 6.25 -8.92 6.43
CA PRO A 68 4.82 -8.62 6.23
C PRO A 68 4.68 -7.46 5.26
N SER A 69 3.47 -7.33 4.72
CA SER A 69 3.14 -6.15 3.93
C SER A 69 1.63 -5.91 4.00
N ASN A 70 1.26 -4.64 3.89
CA ASN A 70 -0.12 -4.19 3.97
C ASN A 70 -0.65 -3.73 2.61
N GLY A 71 -1.97 -3.81 2.49
CA GLY A 71 -2.74 -3.12 1.48
C GLY A 71 -4.04 -2.62 2.10
N LEU A 72 -4.92 -2.05 1.29
CA LEU A 72 -6.15 -1.44 1.75
C LEU A 72 -7.34 -1.96 0.94
N ILE A 73 -8.49 -2.00 1.59
CA ILE A 73 -9.77 -2.32 0.96
C ILE A 73 -10.72 -1.21 1.40
N VAL A 74 -11.45 -0.65 0.44
CA VAL A 74 -12.39 0.43 0.75
C VAL A 74 -13.73 0.11 0.10
N ARG A 75 -14.77 0.15 0.91
CA ARG A 75 -16.11 -0.08 0.39
C ARG A 75 -16.52 1.06 -0.54
N ASP A 76 -17.07 0.69 -1.70
CA ASP A 76 -17.42 1.57 -2.84
C ASP A 76 -18.88 1.20 -3.19
N GLY A 77 -19.82 1.59 -2.34
CA GLY A 77 -21.21 1.18 -2.51
C GLY A 77 -21.43 -0.30 -2.22
N ASP A 78 -21.84 -1.06 -3.24
CA ASP A 78 -21.90 -2.52 -3.13
C ASP A 78 -20.73 -3.20 -3.84
N GLU A 79 -19.65 -2.47 -4.08
CA GLU A 79 -18.43 -3.04 -4.60
C GLU A 79 -17.29 -2.63 -3.68
N LEU A 80 -16.10 -3.18 -3.96
CA LEU A 80 -14.90 -2.85 -3.21
C LEU A 80 -13.80 -2.35 -4.14
N LEU A 81 -13.06 -1.36 -3.65
CA LEU A 81 -11.82 -0.89 -4.24
C LEU A 81 -10.65 -1.46 -3.46
N LEU A 82 -9.74 -2.11 -4.17
CA LEU A 82 -8.53 -2.68 -3.56
C LEU A 82 -7.35 -1.76 -3.82
N ILE A 83 -6.55 -1.53 -2.79
CA ILE A 83 -5.27 -0.84 -2.93
C ILE A 83 -4.15 -1.84 -2.64
N ASP A 84 -3.36 -2.12 -3.67
CA ASP A 84 -2.19 -2.99 -3.65
C ASP A 84 -2.53 -4.47 -3.56
N THR A 85 -1.70 -5.27 -4.22
CA THR A 85 -1.78 -6.73 -4.11
C THR A 85 -1.26 -7.19 -2.75
N ALA A 86 -1.33 -8.48 -2.52
CA ALA A 86 -0.82 -9.10 -1.30
C ALA A 86 0.58 -9.66 -1.45
N TRP A 87 1.35 -9.19 -2.43
CA TRP A 87 2.76 -9.55 -2.63
C TRP A 87 2.86 -10.99 -3.10
N GLY A 88 2.46 -11.23 -4.35
CA GLY A 88 2.57 -12.53 -4.95
C GLY A 88 1.25 -13.05 -5.48
N ALA A 89 1.34 -13.90 -6.50
CA ALA A 89 0.16 -14.50 -7.10
C ALA A 89 -0.65 -15.31 -6.11
N LYS A 90 -0.01 -16.25 -5.42
CA LYS A 90 -0.80 -17.09 -4.51
C LYS A 90 -1.34 -16.29 -3.33
N ASN A 91 -0.55 -15.35 -2.80
CA ASN A 91 -1.07 -14.51 -1.72
C ASN A 91 -2.28 -13.71 -2.19
N THR A 92 -2.23 -13.21 -3.44
CA THR A 92 -3.32 -12.40 -3.97
C THR A 92 -4.58 -13.22 -4.24
N ALA A 93 -4.43 -14.47 -4.68
CA ALA A 93 -5.59 -15.35 -4.76
C ALA A 93 -6.18 -15.58 -3.37
N ALA A 94 -5.31 -15.78 -2.37
CA ALA A 94 -5.79 -15.97 -1.00
C ALA A 94 -6.48 -14.70 -0.48
N LEU A 95 -5.99 -13.53 -0.90
CA LEU A 95 -6.62 -12.27 -0.54
C LEU A 95 -8.05 -12.22 -1.05
N LEU A 96 -8.25 -12.53 -2.33
CA LEU A 96 -9.58 -12.52 -2.89
C LEU A 96 -10.50 -13.48 -2.13
N ALA A 97 -9.99 -14.66 -1.77
CA ALA A 97 -10.81 -15.61 -1.02
C ALA A 97 -11.17 -15.08 0.36
N GLU A 98 -10.21 -14.44 1.02
CA GLU A 98 -10.45 -13.88 2.35
C GLU A 98 -11.47 -12.75 2.28
N ILE A 99 -11.40 -11.90 1.26
CA ILE A 99 -12.40 -10.86 1.09
C ILE A 99 -13.80 -11.46 0.90
N GLU A 100 -13.89 -12.51 0.09
CA GLU A 100 -15.21 -13.12 -0.12
C GLU A 100 -15.76 -13.69 1.18
N LYS A 101 -14.90 -14.28 1.99
CA LYS A 101 -15.31 -14.84 3.26
C LYS A 101 -15.73 -13.79 4.25
N GLN A 102 -14.95 -12.71 4.39
CA GLN A 102 -15.13 -11.76 5.48
C GLN A 102 -16.06 -10.60 5.13
N ILE A 103 -16.15 -10.25 3.84
CA ILE A 103 -16.88 -9.09 3.37
C ILE A 103 -17.98 -9.47 2.38
N GLY A 104 -17.65 -10.26 1.37
CA GLY A 104 -18.68 -10.79 0.48
C GLY A 104 -19.18 -9.83 -0.57
N LEU A 105 -18.42 -8.76 -0.86
CA LEU A 105 -18.72 -7.83 -1.93
C LEU A 105 -17.63 -7.96 -2.98
N PRO A 106 -17.95 -7.75 -4.25
CA PRO A 106 -16.95 -7.98 -5.30
C PRO A 106 -15.92 -6.87 -5.36
N VAL A 107 -14.66 -7.28 -5.52
CA VAL A 107 -13.58 -6.36 -5.85
C VAL A 107 -13.67 -6.03 -7.34
N THR A 108 -13.92 -4.76 -7.67
CA THR A 108 -14.07 -4.40 -9.08
C THR A 108 -12.90 -3.63 -9.65
N ARG A 109 -12.13 -2.94 -8.81
CA ARG A 109 -11.02 -2.12 -9.25
C ARG A 109 -9.91 -2.25 -8.24
N ALA A 110 -8.67 -2.13 -8.73
CA ALA A 110 -7.49 -2.12 -7.87
C ALA A 110 -6.54 -1.04 -8.35
N VAL A 111 -5.88 -0.40 -7.39
CA VAL A 111 -4.83 0.57 -7.67
C VAL A 111 -3.55 0.06 -7.01
N SER A 112 -2.45 0.06 -7.75
CA SER A 112 -1.13 -0.26 -7.21
C SER A 112 -0.37 1.04 -6.98
N THR A 113 0.22 1.18 -5.79
CA THR A 113 0.77 2.47 -5.38
C THR A 113 2.26 2.66 -5.70
N HIS A 114 2.98 1.62 -6.14
CA HIS A 114 4.24 1.77 -6.85
C HIS A 114 4.52 0.44 -7.55
N PHE A 115 5.68 0.33 -8.19
CA PHE A 115 5.95 -0.73 -9.15
C PHE A 115 6.55 -2.00 -8.57
N HIS A 116 6.85 -2.02 -7.27
CA HIS A 116 7.48 -3.20 -6.70
C HIS A 116 6.49 -4.36 -6.54
N ASP A 117 7.06 -5.56 -6.34
CA ASP A 117 6.28 -6.80 -6.29
C ASP A 117 5.28 -6.86 -5.14
N ASP A 118 5.54 -6.15 -4.04
CA ASP A 118 4.59 -6.08 -2.93
C ASP A 118 3.37 -5.21 -3.23
N ARG A 119 3.36 -4.57 -4.39
CA ARG A 119 2.27 -3.71 -4.83
C ARG A 119 1.59 -4.20 -6.10
N VAL A 120 2.36 -4.78 -7.03
CA VAL A 120 1.82 -5.27 -8.30
C VAL A 120 1.90 -6.78 -8.44
N GLY A 121 2.64 -7.48 -7.59
CA GLY A 121 2.75 -8.93 -7.76
C GLY A 121 1.43 -9.55 -7.36
N GLY A 122 0.71 -10.13 -8.32
CA GLY A 122 -0.67 -10.52 -8.14
C GLY A 122 -1.62 -9.77 -9.04
N VAL A 123 -1.15 -8.78 -9.79
CA VAL A 123 -2.01 -8.09 -10.73
C VAL A 123 -2.54 -9.03 -11.80
N ASP A 124 -1.74 -10.02 -12.23
CA ASP A 124 -2.26 -10.96 -13.23
C ASP A 124 -3.41 -11.78 -12.65
N VAL A 125 -3.29 -12.22 -11.38
CA VAL A 125 -4.40 -12.90 -10.72
C VAL A 125 -5.63 -11.99 -10.67
N LEU A 126 -5.47 -10.73 -10.27
CA LEU A 126 -6.61 -9.82 -10.18
C LEU A 126 -7.29 -9.68 -11.54
N ARG A 127 -6.49 -9.49 -12.58
CA ARG A 127 -7.03 -9.28 -13.91
C ARG A 127 -7.80 -10.49 -14.40
N ALA A 128 -7.36 -11.70 -14.07
CA ALA A 128 -8.11 -12.89 -14.44
C ALA A 128 -9.34 -13.13 -13.57
N ALA A 129 -9.44 -12.46 -12.44
CA ALA A 129 -10.63 -12.51 -11.61
C ALA A 129 -11.60 -11.35 -11.89
N GLY A 130 -11.42 -10.61 -12.98
CA GLY A 130 -12.36 -9.58 -13.37
C GLY A 130 -12.11 -8.23 -12.74
N VAL A 131 -11.00 -8.05 -12.06
CA VAL A 131 -10.67 -6.79 -11.42
C VAL A 131 -9.97 -5.91 -12.45
N ALA A 132 -10.44 -4.68 -12.59
CA ALA A 132 -9.76 -3.70 -13.43
C ALA A 132 -8.61 -3.12 -12.62
N THR A 133 -7.38 -3.20 -13.16
CA THR A 133 -6.17 -2.79 -12.45
C THR A 133 -5.62 -1.49 -13.00
N TYR A 134 -5.21 -0.63 -12.09
CA TYR A 134 -4.78 0.73 -12.41
C TYR A 134 -3.47 1.05 -11.70
N ALA A 135 -2.69 1.93 -12.34
CA ALA A 135 -1.53 2.54 -11.68
C ALA A 135 -1.14 3.75 -12.49
N SER A 136 -0.28 4.61 -11.94
CA SER A 136 0.18 5.75 -12.72
C SER A 136 0.97 5.26 -13.95
N PRO A 137 1.10 6.10 -14.98
CA PRO A 137 1.97 5.73 -16.11
C PRO A 137 3.39 5.51 -15.66
N SER A 138 3.86 6.22 -14.65
N SER A 138 3.88 6.25 -14.66
CA SER A 138 5.22 6.01 -14.18
CA SER A 138 5.23 6.01 -14.18
C SER A 138 5.37 4.61 -13.61
C SER A 138 5.36 4.59 -13.63
N THR A 139 4.42 4.19 -12.78
CA THR A 139 4.47 2.86 -12.20
C THR A 139 4.40 1.81 -13.30
N ARG A 140 3.53 2.00 -14.28
CA ARG A 140 3.42 1.02 -15.34
C ARG A 140 4.72 0.88 -16.13
N ARG A 141 5.37 2.01 -16.45
CA ARG A 141 6.64 1.96 -17.16
C ARG A 141 7.70 1.23 -16.35
N LEU A 142 7.77 1.53 -15.05
CA LEU A 142 8.82 0.95 -14.23
C LEU A 142 8.58 -0.55 -14.05
N ALA A 143 7.33 -0.93 -13.82
CA ALA A 143 7.01 -2.36 -13.72
C ALA A 143 7.38 -3.09 -14.99
N GLU A 144 7.01 -2.52 -16.15
CA GLU A 144 7.32 -3.17 -17.42
C GLU A 144 8.82 -3.31 -17.61
N ALA A 145 9.58 -2.24 -17.34
CA ALA A 145 11.00 -2.28 -17.58
C ALA A 145 11.70 -3.28 -16.68
N GLU A 146 11.23 -3.46 -15.46
CA GLU A 146 11.92 -4.31 -14.51
C GLU A 146 11.35 -5.72 -14.44
N GLY A 147 10.31 -6.04 -15.20
CA GLY A 147 9.79 -7.40 -15.22
C GLY A 147 8.77 -7.72 -14.15
N ASN A 148 8.13 -6.72 -13.56
CA ASN A 148 7.04 -6.95 -12.62
C ASN A 148 5.70 -6.92 -13.36
N GLU A 149 4.66 -7.42 -12.71
CA GLU A 149 3.35 -7.44 -13.36
C GLU A 149 2.82 -6.03 -13.57
N ILE A 150 2.03 -5.86 -14.63
CA ILE A 150 1.75 -4.51 -15.13
C ILE A 150 0.25 -4.23 -15.05
N PRO A 151 -0.19 -3.28 -14.23
CA PRO A 151 -1.61 -2.90 -14.21
C PRO A 151 -2.06 -2.46 -15.60
N THR A 152 -3.34 -2.67 -15.90
CA THR A 152 -3.85 -2.41 -17.25
C THR A 152 -4.00 -0.93 -17.58
N HIS A 153 -4.51 -0.14 -16.65
CA HIS A 153 -5.00 1.20 -16.93
C HIS A 153 -4.11 2.25 -16.27
N SER A 154 -3.83 3.33 -17.02
CA SER A 154 -3.02 4.44 -16.52
C SER A 154 -3.86 5.48 -15.80
N LEU A 155 -3.32 5.95 -14.68
CA LEU A 155 -3.92 7.00 -13.88
C LEU A 155 -3.23 8.32 -14.18
N GLU A 156 -3.85 9.13 -15.02
CA GLU A 156 -3.34 10.44 -15.37
C GLU A 156 -3.62 11.43 -14.24
N GLY A 157 -3.03 12.61 -14.34
CA GLY A 157 -3.29 13.63 -13.35
C GLY A 157 -2.50 13.54 -12.08
N LEU A 158 -1.45 12.72 -12.06
CA LEU A 158 -0.66 12.46 -10.85
C LEU A 158 0.83 12.68 -11.09
N SER A 159 1.22 13.29 -12.19
CA SER A 159 2.63 13.28 -12.54
C SER A 159 3.46 14.37 -11.86
N SER A 160 2.84 15.37 -11.23
N SER A 160 2.83 15.36 -11.21
CA SER A 160 3.56 16.43 -10.53
CA SER A 160 3.53 16.45 -10.54
C SER A 160 3.34 16.31 -9.03
C SER A 160 3.33 16.35 -9.03
N SER A 161 4.40 16.48 -8.25
N SER A 161 4.40 16.55 -8.27
CA SER A 161 4.22 16.38 -6.80
CA SER A 161 4.29 16.51 -6.81
C SER A 161 3.17 17.37 -6.32
C SER A 161 3.16 17.43 -6.32
N GLY A 162 2.34 16.90 -5.40
CA GLY A 162 1.20 17.63 -4.91
C GLY A 162 -0.08 17.36 -5.67
N ASP A 163 -0.02 16.63 -6.79
CA ASP A 163 -1.21 16.29 -7.55
C ASP A 163 -2.10 15.35 -6.76
N ALA A 164 -3.41 15.53 -6.94
CA ALA A 164 -4.41 14.66 -6.36
C ALA A 164 -5.55 14.43 -7.37
N VAL A 165 -6.10 13.22 -7.35
CA VAL A 165 -7.27 12.88 -8.14
C VAL A 165 -8.20 12.01 -7.31
N ARG A 166 -9.48 12.06 -7.64
CA ARG A 166 -10.42 11.16 -6.97
C ARG A 166 -10.53 9.83 -7.73
N PHE A 167 -10.73 8.76 -6.97
CA PHE A 167 -10.88 7.41 -7.53
C PHE A 167 -11.85 6.66 -6.62
N GLY A 168 -13.12 6.62 -7.01
CA GLY A 168 -14.10 6.01 -6.17
C GLY A 168 -14.11 6.70 -4.81
N PRO A 169 -14.12 5.92 -3.73
CA PRO A 169 -14.19 6.48 -2.38
C PRO A 169 -12.87 7.01 -1.82
N VAL A 170 -11.81 7.10 -2.63
CA VAL A 170 -10.55 7.61 -2.14
C VAL A 170 -10.07 8.79 -2.97
N GLU A 171 -9.09 9.49 -2.40
CA GLU A 171 -8.23 10.42 -3.13
C GLU A 171 -6.84 9.79 -3.27
N LEU A 172 -6.28 9.87 -4.46
CA LEU A 172 -4.91 9.45 -4.75
C LEU A 172 -4.06 10.71 -4.78
N PHE A 173 -2.87 10.65 -4.20
CA PHE A 173 -2.00 11.81 -4.03
C PHE A 173 -0.58 11.40 -4.38
N TYR A 174 0.10 12.20 -5.18
CA TYR A 174 1.49 11.95 -5.50
C TYR A 174 2.34 12.91 -4.69
N PRO A 175 3.08 12.44 -3.68
CA PRO A 175 3.80 13.38 -2.80
C PRO A 175 5.16 13.78 -3.30
N GLY A 176 5.65 13.17 -4.37
CA GLY A 176 7.03 13.26 -4.78
C GLY A 176 7.79 12.00 -4.46
N ALA A 177 9.03 11.95 -4.94
CA ALA A 177 9.84 10.76 -4.77
C ALA A 177 10.14 10.51 -3.29
N ALA A 178 10.13 9.25 -2.90
CA ALA A 178 10.37 8.88 -1.52
C ALA A 178 10.96 7.46 -1.49
N HIS A 179 10.16 6.48 -1.10
CA HIS A 179 10.57 5.09 -1.22
C HIS A 179 10.86 4.71 -2.66
N SER A 180 10.11 5.29 -3.59
CA SER A 180 10.36 5.13 -5.02
C SER A 180 9.94 6.44 -5.68
N THR A 181 10.28 6.59 -6.96
N THR A 181 10.29 6.59 -6.95
CA THR A 181 9.95 7.85 -7.60
CA THR A 181 9.99 7.81 -7.69
C THR A 181 8.46 7.95 -7.93
C THR A 181 8.51 7.91 -8.08
N ASP A 182 7.79 6.79 -8.03
CA ASP A 182 6.40 6.69 -8.45
C ASP A 182 5.41 6.53 -7.30
N ASN A 183 5.86 6.48 -6.05
CA ASN A 183 4.95 6.11 -4.97
C ASN A 183 3.78 7.08 -4.84
N LEU A 184 2.60 6.49 -4.68
CA LEU A 184 1.36 7.20 -4.43
C LEU A 184 0.88 6.96 -3.01
N VAL A 185 0.10 7.91 -2.51
N VAL A 185 0.20 7.93 -2.41
CA VAL A 185 -0.56 7.89 -1.20
CA VAL A 185 -0.52 7.71 -1.17
C VAL A 185 -2.05 7.87 -1.44
C VAL A 185 -2.02 7.83 -1.43
N VAL A 186 -2.80 7.29 -0.50
CA VAL A 186 -4.23 7.15 -0.67
C VAL A 186 -4.89 7.67 0.60
N TYR A 187 -5.90 8.52 0.44
CA TYR A 187 -6.65 9.03 1.58
C TYR A 187 -8.12 8.62 1.44
N VAL A 188 -8.72 8.20 2.54
CA VAL A 188 -10.14 7.85 2.57
C VAL A 188 -10.86 8.97 3.30
N PRO A 189 -11.47 9.93 2.60
CA PRO A 189 -11.98 11.11 3.32
C PRO A 189 -13.11 10.79 4.27
N SER A 190 -13.93 9.76 4.02
CA SER A 190 -15.07 9.47 4.89
C SER A 190 -14.60 9.07 6.28
N ALA A 191 -13.38 8.59 6.39
CA ALA A 191 -12.88 8.02 7.63
C ALA A 191 -11.60 8.67 8.10
N ASN A 192 -11.09 9.64 7.36
CA ASN A 192 -9.80 10.27 7.66
C ASN A 192 -8.70 9.24 7.85
N VAL A 193 -8.67 8.27 6.97
CA VAL A 193 -7.62 7.25 6.93
C VAL A 193 -6.60 7.60 5.85
N LEU A 194 -5.33 7.68 6.26
CA LEU A 194 -4.23 7.94 5.34
C LEU A 194 -3.44 6.66 5.17
N TYR A 195 -3.46 6.12 3.97
CA TYR A 195 -2.66 4.95 3.60
C TYR A 195 -1.41 5.48 2.91
N GLY A 196 -0.30 5.41 3.63
CA GLY A 196 0.94 5.96 3.12
C GLY A 196 1.67 5.07 2.15
N GLY A 197 1.32 3.79 2.10
CA GLY A 197 2.13 2.88 1.29
C GLY A 197 3.57 2.90 1.81
N CYS A 198 4.47 2.51 0.94
CA CYS A 198 5.87 2.30 1.36
C CYS A 198 6.65 3.59 1.57
N ALA A 199 6.08 4.74 1.23
CA ALA A 199 6.62 6.04 1.62
C ALA A 199 6.50 6.32 3.10
N VAL A 200 5.76 5.50 3.85
CA VAL A 200 5.56 5.71 5.27
C VAL A 200 5.91 4.42 6.00
N HIS A 201 6.71 4.54 7.06
CA HIS A 201 7.14 3.44 7.89
C HIS A 201 6.47 3.43 9.25
N GLU A 202 6.43 2.23 9.82
CA GLU A 202 5.81 2.05 11.13
C GLU A 202 6.70 2.64 12.22
N LEU A 203 6.11 2.89 13.39
CA LEU A 203 6.84 3.55 14.47
C LEU A 203 8.03 2.74 14.98
N SER A 204 7.95 1.42 14.96
CA SER A 204 9.06 0.61 15.47
C SER A 204 10.24 0.54 14.50
N SER A 205 10.11 1.09 13.30
CA SER A 205 11.17 0.92 12.31
C SER A 205 12.45 1.59 12.76
N THR A 206 13.58 0.97 12.36
CA THR A 206 14.93 1.37 12.73
C THR A 206 15.76 1.83 11.54
N SER A 207 15.25 1.67 10.36
CA SER A 207 15.91 2.12 9.17
C SER A 207 14.78 2.32 8.18
N ALA A 208 15.15 2.75 7.00
CA ALA A 208 14.17 3.11 6.00
C ALA A 208 13.79 1.93 5.11
N GLY A 209 13.87 0.69 5.60
CA GLY A 209 13.36 -0.43 4.80
C GLY A 209 14.22 -0.71 3.59
N ASN A 210 13.57 -1.15 2.52
CA ASN A 210 14.30 -1.45 1.30
C ASN A 210 14.42 -0.20 0.45
N VAL A 211 15.63 0.35 0.41
CA VAL A 211 15.88 1.65 -0.20
C VAL A 211 16.44 1.52 -1.62
N ALA A 212 16.35 0.33 -2.21
CA ALA A 212 16.98 0.11 -3.51
C ALA A 212 16.61 1.18 -4.54
N ASP A 213 15.36 1.61 -4.56
CA ASP A 213 14.86 2.55 -5.56
C ASP A 213 14.48 3.88 -4.96
N ALA A 214 14.92 4.16 -3.75
CA ALA A 214 14.47 5.34 -3.05
C ALA A 214 15.28 6.59 -3.42
N ASP A 215 14.72 7.74 -3.05
CA ASP A 215 15.42 9.03 -3.14
C ASP A 215 15.47 9.57 -1.71
N LEU A 216 16.53 9.24 -0.97
CA LEU A 216 16.58 9.59 0.44
C LEU A 216 16.65 11.10 0.64
N ALA A 217 17.21 11.84 -0.32
CA ALA A 217 17.32 13.28 -0.20
C ALA A 217 15.97 13.96 -0.38
N GLU A 218 15.11 13.44 -1.24
CA GLU A 218 13.81 14.04 -1.47
C GLU A 218 12.75 13.54 -0.50
N TRP A 219 12.95 12.34 0.06
CA TRP A 219 11.91 11.71 0.87
C TRP A 219 11.37 12.60 1.99
N PRO A 220 12.19 13.31 2.77
CA PRO A 220 11.62 14.16 3.82
C PRO A 220 10.73 15.26 3.25
N THR A 221 11.09 15.82 2.09
CA THR A 221 10.25 16.84 1.48
C THR A 221 8.91 16.24 1.06
N SER A 222 8.93 15.02 0.53
CA SER A 222 7.70 14.35 0.13
C SER A 222 6.82 14.04 1.34
N VAL A 223 7.42 13.63 2.46
CA VAL A 223 6.64 13.42 3.68
C VAL A 223 6.06 14.71 4.19
N GLU A 224 6.83 15.80 4.15
N GLU A 224 6.84 15.80 4.15
CA GLU A 224 6.29 17.10 4.54
CA GLU A 224 6.30 17.11 4.53
C GLU A 224 5.07 17.46 3.70
C GLU A 224 5.05 17.43 3.70
N ARG A 225 5.09 17.13 2.41
CA ARG A 225 3.92 17.42 1.57
C ARG A 225 2.70 16.63 2.04
N ILE A 226 2.92 15.36 2.41
CA ILE A 226 1.83 14.55 2.94
C ILE A 226 1.27 15.18 4.21
N GLN A 227 2.16 15.59 5.12
CA GLN A 227 1.73 16.16 6.39
C GLN A 227 0.90 17.41 6.15
N LYS A 228 1.31 18.23 5.19
CA LYS A 228 0.60 19.47 4.90
C LYS A 228 -0.74 19.20 4.24
N HIS A 229 -0.81 18.16 3.41
CA HIS A 229 -2.03 17.92 2.66
C HIS A 229 -3.10 17.18 3.46
N TYR A 230 -2.70 16.34 4.43
CA TYR A 230 -3.62 15.52 5.21
C TYR A 230 -3.46 15.72 6.71
N PRO A 231 -3.62 16.96 7.18
CA PRO A 231 -3.39 17.27 8.59
C PRO A 231 -4.44 16.69 9.52
N GLU A 232 -5.58 16.26 9.00
CA GLU A 232 -6.66 15.71 9.82
C GLU A 232 -6.69 14.20 9.80
N ALA A 233 -5.65 13.55 9.27
CA ALA A 233 -5.65 12.10 9.27
C ALA A 233 -5.73 11.59 10.70
N GLU A 234 -6.52 10.55 10.91
CA GLU A 234 -6.69 9.93 12.21
C GLU A 234 -6.00 8.58 12.35
N VAL A 235 -5.86 7.88 11.26
CA VAL A 235 -5.14 6.61 11.19
C VAL A 235 -4.19 6.74 10.02
N VAL A 236 -2.94 6.35 10.25
CA VAL A 236 -1.92 6.31 9.21
C VAL A 236 -1.45 4.85 9.08
N ILE A 237 -1.50 4.32 7.87
CA ILE A 237 -1.15 2.93 7.60
C ILE A 237 0.13 2.90 6.77
N PRO A 238 1.17 2.23 7.24
CA PRO A 238 2.42 2.14 6.47
C PRO A 238 2.31 0.99 5.47
N GLY A 239 3.25 0.95 4.52
CA GLY A 239 3.30 -0.14 3.57
C GLY A 239 3.60 -1.48 4.18
N HIS A 240 4.36 -1.46 5.29
CA HIS A 240 4.73 -2.66 6.06
C HIS A 240 4.63 -2.29 7.53
N GLY A 241 3.98 -3.13 8.32
CA GLY A 241 3.95 -2.96 9.76
C GLY A 241 2.67 -2.34 10.29
N LEU A 242 2.76 -1.86 11.53
N LEU A 242 2.75 -1.87 11.52
CA LEU A 242 1.57 -1.53 12.30
CA LEU A 242 1.55 -1.55 12.26
C LEU A 242 1.06 -0.12 11.99
C LEU A 242 1.06 -0.14 11.95
N PRO A 243 -0.25 0.05 11.83
CA PRO A 243 -0.80 1.40 11.74
C PRO A 243 -0.66 2.16 13.05
N GLY A 244 -0.75 3.48 12.93
CA GLY A 244 -0.75 4.35 14.09
C GLY A 244 -1.39 5.65 13.74
N GLY A 245 -0.96 6.73 14.38
CA GLY A 245 -1.46 8.05 14.13
C GLY A 245 -0.53 8.86 13.25
N LEU A 246 -0.70 10.18 13.29
CA LEU A 246 0.11 11.07 12.47
C LEU A 246 1.61 10.95 12.75
N ASP A 247 2.00 10.47 13.94
CA ASP A 247 3.41 10.38 14.27
C ASP A 247 4.18 9.50 13.28
N LEU A 248 3.51 8.57 12.58
CA LEU A 248 4.26 7.77 11.63
C LEU A 248 4.94 8.64 10.58
N LEU A 249 4.34 9.78 10.21
CA LEU A 249 4.95 10.63 9.20
C LEU A 249 6.25 11.23 9.69
N GLN A 250 6.24 11.86 10.86
CA GLN A 250 7.47 12.44 11.39
C GLN A 250 8.52 11.36 11.66
N HIS A 251 8.10 10.22 12.20
CA HIS A 251 9.04 9.14 12.44
C HIS A 251 9.70 8.70 11.14
N THR A 252 8.92 8.61 10.06
CA THR A 252 9.47 8.23 8.76
C THR A 252 10.54 9.23 8.33
N ALA A 253 10.23 10.52 8.40
CA ALA A 253 11.23 11.51 8.05
C ALA A 253 12.49 11.34 8.88
N ASN A 254 12.32 11.07 10.19
CA ASN A 254 13.46 10.90 11.07
C ASN A 254 14.32 9.71 10.68
N VAL A 255 13.71 8.53 10.44
CA VAL A 255 14.52 7.36 10.10
C VAL A 255 15.16 7.51 8.73
N VAL A 256 14.50 8.19 7.79
CA VAL A 256 15.09 8.34 6.48
C VAL A 256 16.29 9.27 6.55
N LYS A 257 16.16 10.41 7.24
CA LYS A 257 17.27 11.35 7.38
C LYS A 257 18.45 10.66 8.05
N ALA A 258 18.18 9.83 9.05
CA ALA A 258 19.29 9.19 9.74
C ALA A 258 19.92 8.12 8.84
N HIS A 259 19.08 7.41 8.09
CA HIS A 259 19.59 6.44 7.13
C HIS A 259 20.56 7.12 6.17
N LYS A 260 20.08 8.13 5.44
CA LYS A 260 20.91 8.88 4.52
C LYS A 260 22.22 9.32 5.19
N ASN A 261 22.12 10.02 6.31
CA ASN A 261 23.30 10.45 7.05
C ASN A 261 24.29 9.30 7.15
ZN ZN B . 8.75 -0.84 -2.69
ZN ZN C . 7.25 -1.90 0.35
C15 YVH D . 10.81 -5.43 -0.75
C15 YVH D . 10.70 -5.47 -0.72
C13 YVH D . 11.76 -3.14 -2.67
C13 YVH D . 11.80 -3.09 -2.62
C11 YVH D . 13.42 -3.84 -5.55
C11 YVH D . 13.45 -3.61 -5.50
N10 YVH D . 15.54 -4.06 -7.61
N10 YVH D . 15.60 -4.05 -7.70
C01 YVH D . 9.48 -6.13 -2.81
C01 YVH D . 9.62 -6.16 -2.90
C02 YVH D . 10.24 -4.98 -2.15
C02 YVH D . 10.25 -5.01 -2.12
C04 YVH D . 12.32 -5.28 -3.62
C04 YVH D . 12.38 -5.22 -3.56
C05 YVH D . 13.30 -4.20 -4.10
C05 YVH D . 13.32 -4.13 -4.08
C06 YVH D . 14.78 -4.39 -3.97
C06 YVH D . 14.79 -4.36 -4.02
C08 YVH D . 15.90 -4.29 -6.38
C08 YVH D . 15.88 -4.35 -6.48
C16 YVH D . 10.69 -4.58 0.30
C16 YVH D . 10.61 -4.60 0.34
C18 YVH D . 10.24 -2.83 1.64
C18 YVH D . 10.20 -2.75 1.63
C19 YVH D . 9.83 -1.41 1.91
C19 YVH D . 9.78 -1.29 1.94
C22 YVH D . 10.86 -3.73 2.44
C22 YVH D . 10.71 -3.68 2.45
C23 YVH D . 11.16 -3.63 3.92
C23 YVH D . 10.95 -3.55 3.97
C24 YVH D . 12.29 -4.08 4.42
C24 YVH D . 10.03 -2.97 4.74
C25 YVH D . 12.48 -3.90 5.95
C25 YVH D . 10.25 -2.81 6.25
C26 YVH D . 11.55 -3.34 6.72
C26 YVH D . 11.37 -3.30 6.80
C27 YVH D . 11.74 -3.13 8.25
C27 YVH D . 11.64 -3.16 8.32
C29 YVH D . 11.39 -0.25 8.00
C29 YVH D . 11.44 -0.25 8.02
C32 YVH D . 10.28 -2.86 6.08
C32 YVH D . 12.40 -3.98 5.91
C34 YVH D . 10.09 -3.02 4.78
C34 YVH D . 12.22 -4.12 4.58
C35 YVH D . 11.18 -4.93 1.66
C35 YVH D . 11.01 -4.95 1.70
C36 YVH D . 11.77 -6.16 1.87
C36 YVH D . 11.51 -6.24 1.93
C37 YVH D . 11.91 -7.03 0.76
C37 YVH D . 11.61 -7.13 0.81
C38 YVH D . 11.44 -6.63 -0.53
C38 YVH D . 11.21 -6.71 -0.50
F33 YVH D . 9.31 -2.28 6.81
F33 YVH D . 13.54 -4.47 6.46
N03 YVH D . 11.34 -4.49 -2.90
N03 YVH D . 11.39 -4.46 -2.78
N07 YVH D . 14.89 -4.14 -5.40
N07 YVH D . 14.88 -4.12 -5.47
N09 YVH D . 17.04 -4.62 -5.96
N09 YVH D . 16.99 -4.84 -6.13
N17 YVH D . 10.13 -3.33 0.43
N17 YVH D . 10.15 -3.31 0.44
O12 YVH D . 12.96 -2.97 -3.39
O12 YVH D . 13.04 -2.92 -3.35
O14 YVH D . 11.29 -2.34 -2.00
O14 YVH D . 11.28 -2.26 -2.00
O20 YVH D . 8.88 -0.99 1.30
O20 YVH D . 8.84 -0.85 1.36
O21 YVH D . 10.63 -0.75 2.58
O21 YVH D . 10.42 -0.65 2.73
O30 YVH D . 13.76 -1.47 7.76
O30 YVH D . 13.79 -1.55 8.00
O31 YVH D . 12.68 -1.40 9.98
O31 YVH D . 12.69 -1.42 10.08
S28 YVH D . 12.54 -1.52 8.54
S28 YVH D . 12.49 -1.57 8.65
H112 YVH D . 13.21 -2.78 -5.75
H112 YVH D . 13.39 -2.51 -5.56
H111 YVH D . 12.89 -4.54 -6.22
H111 YVH D . 12.81 -4.13 -6.21
H101 YVH D . 16.21 -4.10 -8.35
H101 YVH D . 16.29 -4.18 -8.42
H013 YVH D . 8.67 -6.45 -2.15
H013 YVH D . 8.82 -6.60 -2.31
H012 YVH D . 10.16 -6.96 -2.97
H012 YVH D . 10.38 -6.90 -3.12
H011 YVH D . 9.07 -5.80 -3.75
H011 YVH D . 9.21 -5.78 -3.84
H021 YVH D . 9.50 -4.19 -2.07
H021 YVH D . 9.46 -4.26 -2.05
H042 YVH D . 11.83 -5.68 -4.50
H042 YVH D . 11.87 -5.63 -4.41
H041 YVH D . 12.84 -5.89 -2.90
H041 YVH D . 12.94 -5.81 -2.86
H061 YVH D . 15.06 -5.40 -3.68
H061 YVH D . 15.04 -5.39 -3.75
H062 YVH D . 15.25 -3.61 -3.37
H062 YVH D . 15.32 -3.61 -3.42
H241 YVH D . 13.06 -4.56 3.80
H241 YVH D . 9.10 -2.59 4.28
H251 YVH D . 13.41 -4.26 6.40
H251 YVH D . 9.51 -2.32 6.87
H272 YVH D . 10.77 -3.15 8.73
H272 YVH D . 10.69 -3.18 8.86
H271 YVH D . 12.36 -3.92 8.64
H271 YVH D . 12.26 -3.98 8.65
H292 YVH D . 11.70 0.70 8.39
H292 YVH D . 10.40 -0.42 8.32
H293 YVH D . 10.39 -0.49 8.37
H293 YVH D . 11.50 -0.21 6.93
H291 YVH D . 11.38 -0.23 6.91
H291 YVH D . 11.77 0.70 8.42
H341 YVH D . 9.17 -2.69 4.33
H341 YVH D . 12.96 -4.61 3.97
H361 YVH D . 12.12 -6.45 2.86
H361 YVH D . 11.83 -6.55 2.92
H371 YVH D . 12.39 -7.99 0.88
H371 YVH D . 12.00 -8.13 0.96
H381 YVH D . 11.57 -7.31 -1.38
H381 YVH D . 11.32 -7.40 -1.34
H092 YVH D . 17.19 -4.78 -4.97
H092 YVH D . 17.15 -5.05 -5.15
H171 YVH D . 10.05 -2.71 -0.38
H171 YVH D . 10.19 -2.71 -0.39
H091 YVH D . 17.82 -4.71 -6.60
H091 YVH D . 17.72 -4.99 -6.80
#